data_7LDA
#
_entry.id   7LDA
#
_cell.length_a   97.410
_cell.length_b   97.410
_cell.length_c   129.280
_cell.angle_alpha   90.000
_cell.angle_beta   90.000
_cell.angle_gamma   90.000
#
_symmetry.space_group_name_H-M   'P 41 21 2'
#
loop_
_entity.id
_entity.type
_entity.pdbx_description
1 polymer 'Ribose-5-phosphate isomerase A'
2 non-polymer 1,2-ETHANEDIOL
3 non-polymer 'SULFATE ION'
4 water water
#
_entity_poly.entity_id   1
_entity_poly.type   'polypeptide(L)'
_entity_poly.pdbx_seq_one_letter_code
;MAHHHHHHMSEAKRLAAEKAIEYVEDGMIVGVGTGSTVAYFIDALARIQHRIKGAVSSSEQSTARLKQHGIEVIELNHSG
NLSLYVDGADECDANKCLIKGGGAALTREKIIAEASERFICIIDPSKQVPVLGRFPLPVEVIPMARSLVARQIRDMTGGQ
PTWREGVVTDNGNQILDIHNLQITDPEKLERELNQLPGVVCVGLFARRRADVVIVGGEPPVVL
;
_entity_poly.pdbx_strand_id   A,B
#
loop_
_chem_comp.id
_chem_comp.type
_chem_comp.name
_chem_comp.formula
EDO non-polymer 1,2-ETHANEDIOL 'C2 H6 O2'
SO4 non-polymer 'SULFATE ION' 'O4 S -2'
#
# COMPACT_ATOMS: atom_id res chain seq x y z
N MET A 9 -0.88 -0.71 34.37
CA MET A 9 -0.78 0.63 33.82
C MET A 9 -2.17 1.23 33.56
N SER A 10 -3.20 0.56 34.08
CA SER A 10 -4.57 0.99 33.80
C SER A 10 -4.83 2.41 34.25
N GLU A 11 -4.35 2.77 35.45
CA GLU A 11 -4.59 4.13 35.94
C GLU A 11 -3.86 5.17 35.09
N ALA A 12 -2.62 4.88 34.70
CA ALA A 12 -1.90 5.79 33.82
C ALA A 12 -2.62 5.98 32.49
N LYS A 13 -3.14 4.88 31.93
CA LYS A 13 -3.88 4.99 30.68
C LYS A 13 -5.10 5.88 30.83
N ARG A 14 -5.87 5.67 31.90
CA ARG A 14 -7.07 6.46 32.13
C ARG A 14 -6.74 7.94 32.30
N LEU A 15 -5.68 8.23 33.07
CA LEU A 15 -5.31 9.63 33.31
C LEU A 15 -4.86 10.31 32.02
N ALA A 16 -4.11 9.61 31.17
CA ALA A 16 -3.74 10.19 29.88
C ALA A 16 -4.96 10.45 29.02
N ALA A 17 -5.89 9.48 28.96
CA ALA A 17 -7.09 9.64 28.17
C ALA A 17 -7.93 10.82 28.65
N GLU A 18 -8.05 10.99 29.97
CA GLU A 18 -8.83 12.10 30.50
CA GLU A 18 -8.83 12.10 30.48
C GLU A 18 -8.19 13.45 30.16
N LYS A 19 -6.85 13.51 30.16
CA LYS A 19 -6.18 14.76 29.77
C LYS A 19 -6.44 15.07 28.30
N ALA A 20 -6.45 14.06 27.45
CA ALA A 20 -6.71 14.29 26.03
C ALA A 20 -8.08 14.91 25.79
N ILE A 21 -9.05 14.65 26.66
CA ILE A 21 -10.37 15.25 26.52
C ILE A 21 -10.30 16.78 26.50
N GLU A 22 -9.30 17.36 27.17
CA GLU A 22 -9.15 18.82 27.18
C GLU A 22 -8.90 19.40 25.79
N TYR A 23 -8.47 18.58 24.84
CA TYR A 23 -8.22 19.01 23.47
C TYR A 23 -9.48 18.96 22.60
N VAL A 24 -10.56 18.37 23.11
CA VAL A 24 -11.79 18.27 22.32
C VAL A 24 -12.55 19.58 22.43
N GLU A 25 -12.90 20.15 21.29
CA GLU A 25 -13.63 21.42 21.23
C GLU A 25 -15.04 21.19 20.72
N ASP A 26 -15.95 22.07 21.13
CA ASP A 26 -17.35 21.99 20.73
C ASP A 26 -17.48 21.90 19.23
N GLY A 27 -18.30 20.96 18.76
CA GLY A 27 -18.58 20.83 17.34
C GLY A 27 -17.60 19.98 16.56
N MET A 28 -16.54 19.49 17.19
CA MET A 28 -15.55 18.70 16.48
C MET A 28 -16.12 17.35 16.03
N ILE A 29 -15.64 16.89 14.89
CA ILE A 29 -15.65 15.46 14.58
C ILE A 29 -14.28 14.93 15.00
N VAL A 30 -14.26 14.06 15.99
CA VAL A 30 -13.02 13.62 16.62
C VAL A 30 -12.53 12.36 15.92
N GLY A 31 -11.26 12.36 15.50
CA GLY A 31 -10.63 11.14 15.00
C GLY A 31 -10.23 10.25 16.16
N VAL A 32 -10.59 8.98 16.08
CA VAL A 32 -10.47 8.06 17.22
C VAL A 32 -9.59 6.87 16.88
N GLY A 33 -8.60 6.61 17.74
CA GLY A 33 -7.64 5.53 17.56
C GLY A 33 -8.20 4.18 17.95
N THR A 34 -7.28 3.27 18.28
CA THR A 34 -7.62 1.89 18.60
C THR A 34 -6.76 1.44 19.76
N GLY A 35 -7.30 0.58 20.62
CA GLY A 35 -6.53 -0.09 21.64
C GLY A 35 -7.00 0.19 23.05
N SER A 36 -6.25 -0.37 24.01
CA SER A 36 -6.71 -0.38 25.40
C SER A 36 -6.62 1.00 26.03
N THR A 37 -5.65 1.82 25.63
CA THR A 37 -5.57 3.18 26.15
C THR A 37 -6.70 4.01 25.57
N VAL A 38 -6.93 3.88 24.25
CA VAL A 38 -8.03 4.56 23.59
C VAL A 38 -9.38 4.18 24.19
N ALA A 39 -9.53 2.96 24.72
CA ALA A 39 -10.80 2.56 25.32
C ALA A 39 -11.22 3.55 26.42
N TYR A 40 -10.26 4.01 27.23
CA TYR A 40 -10.57 5.00 28.25
C TYR A 40 -10.96 6.33 27.63
N PHE A 41 -10.35 6.69 26.51
CA PHE A 41 -10.73 7.93 25.84
C PHE A 41 -12.14 7.85 25.26
N ILE A 42 -12.50 6.69 24.68
CA ILE A 42 -13.87 6.51 24.19
C ILE A 42 -14.88 6.65 25.32
N ASP A 43 -14.59 6.05 26.48
CA ASP A 43 -15.49 6.18 27.63
C ASP A 43 -15.63 7.64 28.06
N ALA A 44 -14.52 8.38 28.06
CA ALA A 44 -14.57 9.77 28.47
C ALA A 44 -15.25 10.64 27.44
N LEU A 45 -15.05 10.33 26.16
CA LEU A 45 -15.72 11.08 25.10
C LEU A 45 -17.23 10.91 25.17
N ALA A 46 -17.69 9.72 25.57
CA ALA A 46 -19.12 9.49 25.70
C ALA A 46 -19.75 10.43 26.72
N ARG A 47 -18.98 10.82 27.75
CA ARG A 47 -19.52 11.73 28.76
C ARG A 47 -19.70 13.15 28.25
N ILE A 48 -19.03 13.52 27.15
CA ILE A 48 -19.16 14.84 26.57
C ILE A 48 -19.74 14.78 25.15
N GLN A 49 -20.42 13.69 24.80
CA GLN A 49 -20.85 13.53 23.42
C GLN A 49 -21.88 14.57 22.98
N HIS A 50 -22.58 15.21 23.93
CA HIS A 50 -23.48 16.30 23.56
C HIS A 50 -22.74 17.50 22.98
N ARG A 51 -21.42 17.59 23.19
CA ARG A 51 -20.62 18.70 22.72
C ARG A 51 -19.94 18.45 21.37
N ILE A 52 -19.96 17.23 20.86
CA ILE A 52 -19.26 16.89 19.63
C ILE A 52 -20.25 16.54 18.53
N LYS A 53 -19.77 16.60 17.28
CA LYS A 53 -20.59 16.19 16.15
C LYS A 53 -20.55 14.68 15.92
N GLY A 54 -19.44 14.04 16.28
CA GLY A 54 -19.30 12.62 16.05
C GLY A 54 -17.83 12.26 16.03
N ALA A 55 -17.54 11.08 15.51
CA ALA A 55 -16.19 10.54 15.50
C ALA A 55 -15.93 9.81 14.19
N VAL A 56 -14.68 9.87 13.73
CA VAL A 56 -14.17 9.04 12.63
C VAL A 56 -13.28 7.97 13.25
N SER A 57 -13.50 6.70 12.86
CA SER A 57 -12.96 5.56 13.59
C SER A 57 -11.89 4.80 12.82
N SER A 58 -10.78 4.52 13.50
CA SER A 58 -9.64 3.81 12.92
C SER A 58 -9.80 2.28 12.91
N SER A 59 -10.87 1.72 13.46
CA SER A 59 -11.01 0.27 13.38
C SER A 59 -12.47 -0.12 13.59
N GLU A 60 -12.82 -1.30 13.09
N GLU A 60 -12.82 -1.30 13.07
CA GLU A 60 -14.17 -1.80 13.35
CA GLU A 60 -14.14 -1.84 13.34
C GLU A 60 -14.39 -2.02 14.84
C GLU A 60 -14.38 -2.00 14.84
N GLN A 61 -13.35 -2.42 15.58
CA GLN A 61 -13.45 -2.52 17.03
C GLN A 61 -13.81 -1.18 17.66
N SER A 62 -13.08 -0.13 17.30
CA SER A 62 -13.37 1.18 17.86
C SER A 62 -14.75 1.67 17.44
N THR A 63 -15.17 1.36 16.21
CA THR A 63 -16.51 1.76 15.77
C THR A 63 -17.59 1.14 16.64
N ALA A 64 -17.44 -0.16 16.97
CA ALA A 64 -18.43 -0.80 17.82
C ALA A 64 -18.44 -0.20 19.23
N ARG A 65 -17.25 0.17 19.74
CA ARG A 65 -17.18 0.77 21.07
C ARG A 65 -17.79 2.18 21.08
N LEU A 66 -17.53 2.96 20.02
CA LEU A 66 -18.17 4.28 19.92
C LEU A 66 -19.69 4.13 19.84
N LYS A 67 -20.16 3.21 19.00
CA LYS A 67 -21.60 2.99 18.85
CA LYS A 67 -21.60 3.01 18.86
C LYS A 67 -22.23 2.50 20.14
N GLN A 68 -21.50 1.68 20.91
CA GLN A 68 -22.06 1.17 22.16
C GLN A 68 -22.32 2.31 23.14
N HIS A 69 -21.59 3.42 23.01
CA HIS A 69 -21.80 4.59 23.83
C HIS A 69 -22.75 5.60 23.20
N GLY A 70 -23.29 5.31 22.03
CA GLY A 70 -24.21 6.23 21.38
C GLY A 70 -23.56 7.33 20.57
N ILE A 71 -22.24 7.27 20.37
CA ILE A 71 -21.53 8.30 19.61
C ILE A 71 -21.69 8.01 18.13
N GLU A 72 -22.03 9.06 17.36
CA GLU A 72 -22.22 8.89 15.93
C GLU A 72 -20.87 8.69 15.25
N VAL A 73 -20.78 7.65 14.41
CA VAL A 73 -19.56 7.37 13.65
C VAL A 73 -19.76 7.84 12.22
N ILE A 74 -18.78 8.59 11.71
CA ILE A 74 -18.84 9.25 10.42
C ILE A 74 -17.66 8.76 9.60
N GLU A 75 -17.88 8.57 8.29
CA GLU A 75 -16.79 8.15 7.42
C GLU A 75 -15.87 9.32 7.09
N LEU A 76 -14.57 9.04 7.02
CA LEU A 76 -13.59 10.07 6.66
C LEU A 76 -13.91 10.68 5.29
N ASN A 77 -14.40 9.88 4.34
CA ASN A 77 -14.75 10.43 3.03
C ASN A 77 -15.83 11.48 3.15
N HIS A 78 -16.68 11.38 4.17
CA HIS A 78 -17.76 12.33 4.39
C HIS A 78 -17.33 13.51 5.26
N SER A 79 -16.52 13.26 6.29
CA SER A 79 -16.09 14.36 7.17
C SER A 79 -15.10 15.29 6.50
N GLY A 80 -14.30 14.77 5.57
CA GLY A 80 -13.14 15.51 5.14
C GLY A 80 -12.10 15.57 6.25
N ASN A 81 -11.18 16.53 6.11
CA ASN A 81 -10.10 16.70 7.09
C ASN A 81 -10.66 17.00 8.48
N LEU A 82 -9.92 16.59 9.49
CA LEU A 82 -10.28 16.75 10.88
C LEU A 82 -9.28 17.66 11.58
N SER A 83 -9.69 18.18 12.73
CA SER A 83 -8.81 19.00 13.55
CA SER A 83 -8.78 18.99 13.53
C SER A 83 -8.00 18.19 14.55
N LEU A 84 -8.54 17.07 15.03
CA LEU A 84 -7.94 16.33 16.14
C LEU A 84 -8.08 14.82 15.94
N TYR A 85 -6.98 14.10 16.15
CA TYR A 85 -6.94 12.64 16.17
C TYR A 85 -6.27 12.23 17.48
N VAL A 86 -6.90 11.32 18.21
CA VAL A 86 -6.38 10.84 19.50
C VAL A 86 -6.17 9.33 19.39
N ASP A 87 -4.95 8.87 19.68
CA ASP A 87 -4.64 7.45 19.57
C ASP A 87 -3.47 7.12 20.47
N GLY A 88 -3.23 5.83 20.65
CA GLY A 88 -2.10 5.35 21.42
C GLY A 88 -0.87 5.07 20.57
N ALA A 89 0.11 4.40 21.19
CA ALA A 89 1.31 3.98 20.49
C ALA A 89 1.91 2.79 21.21
N ASP A 90 2.55 1.89 20.45
CA ASP A 90 3.27 0.79 21.10
C ASP A 90 4.61 1.25 21.64
N GLU A 91 5.26 2.19 20.97
CA GLU A 91 6.49 2.82 21.44
C GLU A 91 6.52 4.26 20.95
N CYS A 92 7.18 5.11 21.72
CA CYS A 92 7.34 6.53 21.39
C CYS A 92 8.75 6.94 21.78
N ASP A 93 9.53 7.46 20.82
CA ASP A 93 10.89 7.89 21.14
C ASP A 93 10.94 9.37 21.53
N ALA A 94 12.14 9.86 21.86
CA ALA A 94 12.27 11.22 22.35
C ALA A 94 12.03 12.28 21.28
N ASN A 95 11.99 11.87 20.02
CA ASN A 95 11.64 12.77 18.92
C ASN A 95 10.17 12.63 18.51
N LYS A 96 9.36 11.94 19.31
CA LYS A 96 7.93 11.74 19.09
C LYS A 96 7.63 10.82 17.92
N CYS A 97 8.62 10.10 17.40
CA CYS A 97 8.36 9.06 16.42
C CYS A 97 7.82 7.81 17.12
N LEU A 98 6.91 7.11 16.44
CA LEU A 98 6.14 6.05 17.06
C LEU A 98 6.29 4.74 16.30
N ILE A 99 6.19 3.63 17.03
CA ILE A 99 5.78 2.35 16.45
C ILE A 99 4.32 2.13 16.83
N LYS A 100 3.52 1.79 15.82
CA LYS A 100 2.10 1.51 15.99
C LYS A 100 1.75 0.26 15.18
N GLY A 101 0.62 -0.35 15.53
CA GLY A 101 0.15 -1.54 14.86
C GLY A 101 0.15 -2.80 15.71
N GLY A 102 0.41 -2.70 17.02
CA GLY A 102 0.35 -3.89 17.85
C GLY A 102 -1.00 -4.58 17.80
N GLY A 103 -2.07 -3.81 17.60
CA GLY A 103 -3.40 -4.34 17.42
C GLY A 103 -3.85 -4.48 15.98
N ALA A 104 -2.92 -4.37 15.03
CA ALA A 104 -3.12 -4.62 13.60
C ALA A 104 -3.95 -3.55 12.89
N ALA A 105 -4.20 -2.40 13.52
CA ALA A 105 -5.05 -1.37 12.95
C ALA A 105 -4.25 -0.17 12.41
N LEU A 106 -2.95 -0.34 12.17
CA LEU A 106 -2.08 0.77 11.79
C LEU A 106 -2.54 1.52 10.55
N THR A 107 -3.15 0.85 9.56
CA THR A 107 -3.40 1.51 8.28
C THR A 107 -4.46 2.61 8.42
N ARG A 108 -5.63 2.28 8.98
CA ARG A 108 -6.65 3.31 9.12
C ARG A 108 -6.25 4.35 10.17
N GLU A 109 -5.47 3.94 11.17
CA GLU A 109 -4.91 4.92 12.11
C GLU A 109 -4.07 5.94 11.38
N LYS A 110 -3.18 5.46 10.49
CA LYS A 110 -2.26 6.36 9.81
C LYS A 110 -3.00 7.26 8.85
N ILE A 111 -4.04 6.74 8.19
CA ILE A 111 -4.84 7.54 7.27
C ILE A 111 -5.57 8.66 8.02
N ILE A 112 -6.24 8.32 9.13
CA ILE A 112 -6.98 9.34 9.87
C ILE A 112 -6.02 10.37 10.47
N ALA A 113 -4.88 9.90 11.01
CA ALA A 113 -3.88 10.85 11.50
C ALA A 113 -3.43 11.81 10.41
N GLU A 114 -3.23 11.29 9.19
CA GLU A 114 -2.77 12.14 8.09
C GLU A 114 -3.79 13.22 7.77
N ALA A 115 -5.08 12.90 7.90
CA ALA A 115 -6.16 13.83 7.63
C ALA A 115 -6.43 14.79 8.78
N SER A 116 -5.70 14.70 9.88
CA SER A 116 -5.98 15.50 11.08
C SER A 116 -4.91 16.54 11.32
N GLU A 117 -5.34 17.73 11.75
CA GLU A 117 -4.38 18.81 11.98
C GLU A 117 -3.42 18.47 13.11
N ARG A 118 -3.93 17.94 14.23
CA ARG A 118 -3.11 17.58 15.37
C ARG A 118 -3.41 16.16 15.80
N PHE A 119 -2.36 15.41 16.07
CA PHE A 119 -2.41 14.03 16.58
C PHE A 119 -1.92 14.09 18.03
N ILE A 120 -2.85 13.84 18.95
CA ILE A 120 -2.54 13.74 20.37
C ILE A 120 -2.40 12.26 20.70
N CYS A 121 -1.21 11.87 21.18
CA CYS A 121 -0.88 10.48 21.41
C CYS A 121 -0.90 10.23 22.91
N ILE A 122 -1.72 9.26 23.36
CA ILE A 122 -1.92 8.95 24.77
C ILE A 122 -1.21 7.65 25.12
N ILE A 123 -0.29 7.72 26.08
CA ILE A 123 0.53 6.56 26.45
C ILE A 123 0.72 6.51 27.96
N ASP A 124 1.11 5.35 28.45
CA ASP A 124 1.65 5.21 29.79
C ASP A 124 3.17 5.21 29.71
N PRO A 125 3.87 5.39 30.83
CA PRO A 125 5.34 5.54 30.76
C PRO A 125 6.07 4.36 30.13
N SER A 126 5.50 3.16 30.15
CA SER A 126 6.21 2.01 29.57
C SER A 126 6.40 2.14 28.07
N LYS A 127 5.67 3.04 27.41
CA LYS A 127 5.78 3.20 25.97
C LYS A 127 6.95 4.09 25.57
N GLN A 128 7.54 4.83 26.51
CA GLN A 128 8.66 5.71 26.19
C GLN A 128 9.94 4.89 26.07
N VAL A 129 10.58 4.96 24.92
CA VAL A 129 11.83 4.22 24.68
C VAL A 129 12.85 5.14 24.01
N PRO A 130 14.14 4.92 24.23
CA PRO A 130 15.14 5.81 23.62
C PRO A 130 15.38 5.48 22.16
N VAL A 131 15.24 4.21 21.77
CA VAL A 131 15.43 3.80 20.37
C VAL A 131 14.32 2.84 20.02
N LEU A 132 13.51 3.19 19.01
CA LEU A 132 12.40 2.32 18.61
C LEU A 132 12.91 0.97 18.18
N GLY A 133 12.14 -0.08 18.49
CA GLY A 133 12.36 -1.38 17.90
C GLY A 133 12.33 -2.60 18.80
N ARG A 134 12.44 -2.42 20.13
CA ARG A 134 12.28 -3.58 20.99
C ARG A 134 10.91 -4.21 20.80
N PHE A 135 9.87 -3.39 20.75
CA PHE A 135 8.57 -3.83 20.27
C PHE A 135 8.68 -4.01 18.76
N PRO A 136 8.36 -5.19 18.22
CA PRO A 136 8.60 -5.41 16.78
C PRO A 136 7.77 -4.48 15.91
N LEU A 137 8.35 -4.08 14.79
CA LEU A 137 7.70 -3.11 13.89
C LEU A 137 6.64 -3.81 13.04
N PRO A 138 5.35 -3.45 13.16
CA PRO A 138 4.33 -4.05 12.29
C PRO A 138 4.37 -3.45 10.89
N VAL A 139 4.19 -4.32 9.90
CA VAL A 139 4.07 -3.94 8.49
C VAL A 139 2.88 -4.68 7.90
N GLU A 140 1.90 -3.94 7.38
CA GLU A 140 0.76 -4.57 6.73
C GLU A 140 1.09 -4.85 5.27
N VAL A 141 0.83 -6.08 4.82
CA VAL A 141 1.22 -6.54 3.50
C VAL A 141 0.06 -7.18 2.75
N ILE A 142 0.04 -6.97 1.44
CA ILE A 142 -0.83 -7.77 0.56
C ILE A 142 -0.48 -9.25 0.77
N PRO A 143 -1.45 -10.12 1.01
CA PRO A 143 -1.10 -11.52 1.33
C PRO A 143 -0.21 -12.20 0.31
N MET A 144 -0.47 -12.03 -0.98
CA MET A 144 0.35 -12.74 -1.95
C MET A 144 1.77 -12.19 -2.04
N ALA A 145 2.05 -11.06 -1.39
CA ALA A 145 3.38 -10.47 -1.35
C ALA A 145 4.15 -10.80 -0.07
N ARG A 146 3.54 -11.53 0.86
CA ARG A 146 4.10 -11.66 2.22
C ARG A 146 5.55 -12.14 2.20
N SER A 147 5.81 -13.27 1.53
CA SER A 147 7.17 -13.82 1.59
C SER A 147 8.17 -12.92 0.89
N LEU A 148 7.78 -12.30 -0.23
CA LEU A 148 8.65 -11.37 -0.91
C LEU A 148 9.04 -10.21 0.00
N VAL A 149 8.05 -9.60 0.64
CA VAL A 149 8.33 -8.47 1.51
C VAL A 149 9.22 -8.89 2.68
N ALA A 150 8.96 -10.07 3.24
CA ALA A 150 9.82 -10.55 4.33
C ALA A 150 11.27 -10.64 3.87
N ARG A 151 11.51 -11.22 2.69
CA ARG A 151 12.89 -11.31 2.21
C ARG A 151 13.51 -9.94 2.03
N GLN A 152 12.75 -9.00 1.45
CA GLN A 152 13.29 -7.68 1.20
C GLN A 152 13.61 -6.97 2.50
N ILE A 153 12.72 -7.08 3.49
CA ILE A 153 12.96 -6.38 4.75
C ILE A 153 14.17 -6.97 5.45
N ARG A 154 14.32 -8.29 5.43
CA ARG A 154 15.51 -8.91 6.00
C ARG A 154 16.77 -8.41 5.31
N ASP A 155 16.77 -8.35 3.98
CA ASP A 155 17.94 -7.90 3.23
C ASP A 155 18.25 -6.44 3.53
N MET A 156 17.23 -5.59 3.65
CA MET A 156 17.45 -4.16 3.80
CA MET A 156 17.44 -4.16 3.80
C MET A 156 17.86 -3.80 5.21
N THR A 157 17.31 -4.47 6.22
CA THR A 157 17.49 -4.05 7.60
C THR A 157 18.29 -5.01 8.46
N GLY A 158 18.45 -6.27 8.04
CA GLY A 158 19.01 -7.26 8.93
C GLY A 158 18.10 -7.70 10.04
N GLY A 159 16.89 -7.14 10.13
CA GLY A 159 15.92 -7.59 11.10
C GLY A 159 15.26 -8.90 10.71
N GLN A 160 14.45 -9.43 11.62
CA GLN A 160 13.85 -10.74 11.47
C GLN A 160 12.34 -10.61 11.31
N PRO A 161 11.80 -10.73 10.10
CA PRO A 161 10.35 -10.62 9.93
C PRO A 161 9.66 -11.92 10.32
N THR A 162 8.55 -11.79 11.04
CA THR A 162 7.73 -12.93 11.38
CA THR A 162 7.73 -12.93 11.41
C THR A 162 6.29 -12.65 11.01
N TRP A 163 5.66 -13.60 10.34
CA TRP A 163 4.24 -13.47 10.01
C TRP A 163 3.42 -13.61 11.29
N ARG A 164 2.53 -12.64 11.53
CA ARG A 164 1.58 -12.73 12.64
C ARG A 164 0.46 -13.64 12.16
N GLU A 165 0.74 -14.94 12.19
CA GLU A 165 -0.03 -15.88 11.40
C GLU A 165 -1.46 -15.99 11.88
N GLY A 166 -2.41 -15.90 10.95
CA GLY A 166 -3.81 -15.98 11.26
C GLY A 166 -4.50 -14.65 11.43
N VAL A 167 -3.74 -13.60 11.75
CA VAL A 167 -4.31 -12.27 11.92
C VAL A 167 -4.63 -11.69 10.55
N VAL A 168 -5.83 -11.13 10.41
CA VAL A 168 -6.24 -10.44 9.21
C VAL A 168 -6.73 -9.05 9.61
N THR A 169 -6.20 -8.02 8.95
CA THR A 169 -6.58 -6.66 9.32
C THR A 169 -7.99 -6.36 8.83
N ASP A 170 -8.53 -5.22 9.26
CA ASP A 170 -9.84 -4.79 8.77
C ASP A 170 -9.84 -4.61 7.26
N ASN A 171 -8.66 -4.48 6.63
CA ASN A 171 -8.54 -4.30 5.18
C ASN A 171 -8.28 -5.61 4.45
N GLY A 172 -8.29 -6.73 5.16
CA GLY A 172 -8.11 -8.03 4.52
C GLY A 172 -6.67 -8.46 4.32
N ASN A 173 -5.72 -7.77 4.94
CA ASN A 173 -4.31 -8.02 4.71
C ASN A 173 -3.67 -8.72 5.88
N GLN A 174 -2.41 -9.12 5.69
CA GLN A 174 -1.62 -9.77 6.72
C GLN A 174 -0.62 -8.80 7.35
N ILE A 175 -0.02 -9.22 8.46
CA ILE A 175 0.95 -8.43 9.20
C ILE A 175 2.26 -9.21 9.30
N LEU A 176 3.37 -8.57 8.92
CA LEU A 176 4.71 -9.01 9.31
C LEU A 176 5.19 -8.13 10.47
N ASP A 177 5.73 -8.76 11.51
CA ASP A 177 6.34 -8.03 12.62
C ASP A 177 7.85 -8.17 12.49
N ILE A 178 8.56 -7.03 12.46
CA ILE A 178 9.99 -7.04 12.20
C ILE A 178 10.72 -6.92 13.54
N HIS A 179 11.43 -7.98 13.92
CA HIS A 179 12.11 -8.04 15.20
C HIS A 179 13.55 -7.59 15.08
N ASN A 180 14.10 -7.11 16.19
CA ASN A 180 15.53 -6.95 16.44
C ASN A 180 16.13 -5.68 15.84
N LEU A 181 15.30 -4.71 15.45
CA LEU A 181 15.83 -3.47 14.88
C LEU A 181 16.17 -2.46 15.98
N GLN A 182 17.17 -1.64 15.68
CA GLN A 182 17.44 -0.40 16.42
C GLN A 182 17.16 0.74 15.45
N ILE A 183 15.96 1.30 15.52
CA ILE A 183 15.49 2.25 14.50
C ILE A 183 15.91 3.65 14.95
N THR A 184 17.19 3.95 14.72
CA THR A 184 17.73 5.27 15.05
C THR A 184 17.36 6.32 14.01
N ASP A 185 16.94 5.90 12.82
CA ASP A 185 16.55 6.83 11.76
C ASP A 185 15.17 6.43 11.23
N PRO A 186 14.12 6.60 12.06
CA PRO A 186 12.78 6.20 11.61
C PRO A 186 12.27 6.97 10.41
N GLU A 187 12.66 8.24 10.26
CA GLU A 187 12.28 9.00 9.06
C GLU A 187 12.74 8.27 7.80
N LYS A 188 14.00 7.83 7.80
CA LYS A 188 14.54 7.16 6.62
C LYS A 188 13.97 5.77 6.45
N LEU A 189 13.87 4.99 7.54
CA LEU A 189 13.38 3.63 7.39
C LEU A 189 11.94 3.60 6.91
N GLU A 190 11.10 4.50 7.41
CA GLU A 190 9.72 4.57 6.95
C GLU A 190 9.67 4.87 5.46
N ARG A 191 10.46 5.85 5.02
CA ARG A 191 10.45 6.25 3.61
C ARG A 191 10.90 5.09 2.72
N GLU A 192 11.91 4.33 3.16
CA GLU A 192 12.42 3.23 2.34
C GLU A 192 11.45 2.06 2.31
N LEU A 193 10.88 1.67 3.46
CA LEU A 193 9.94 0.56 3.47
C LEU A 193 8.67 0.88 2.69
N ASN A 194 8.28 2.16 2.66
CA ASN A 194 7.10 2.57 1.90
C ASN A 194 7.26 2.30 0.41
N GLN A 195 8.50 2.10 -0.08
CA GLN A 195 8.72 1.90 -1.52
C GLN A 195 8.51 0.47 -1.98
N LEU A 196 8.32 -0.48 -1.06
CA LEU A 196 8.29 -1.89 -1.46
C LEU A 196 6.91 -2.28 -1.97
N PRO A 197 6.79 -2.78 -3.21
CA PRO A 197 5.50 -3.28 -3.69
C PRO A 197 4.96 -4.38 -2.81
N GLY A 198 3.70 -4.26 -2.43
CA GLY A 198 3.11 -5.20 -1.50
C GLY A 198 3.02 -4.70 -0.08
N VAL A 199 3.80 -3.69 0.27
CA VAL A 199 3.62 -3.04 1.56
C VAL A 199 2.40 -2.12 1.48
N VAL A 200 1.45 -2.32 2.37
CA VAL A 200 0.27 -1.47 2.47
C VAL A 200 0.50 -0.33 3.45
N CYS A 201 1.16 -0.61 4.56
CA CYS A 201 1.44 0.41 5.57
C CYS A 201 2.59 -0.06 6.43
N VAL A 202 3.43 0.88 6.84
CA VAL A 202 4.54 0.66 7.75
C VAL A 202 4.17 1.27 9.09
N GLY A 203 4.32 0.50 10.18
CA GLY A 203 3.94 0.96 11.51
C GLY A 203 4.91 1.93 12.17
N LEU A 204 5.59 2.75 11.36
CA LEU A 204 6.37 3.87 11.87
C LEU A 204 5.60 5.15 11.57
N PHE A 205 5.42 5.98 12.59
CA PHE A 205 4.84 7.31 12.41
C PHE A 205 5.99 8.27 12.65
N ALA A 206 6.49 8.85 11.56
CA ALA A 206 7.71 9.66 11.60
C ALA A 206 7.58 10.81 10.61
N ARG A 207 7.25 10.50 9.35
CA ARG A 207 6.88 11.55 8.42
C ARG A 207 5.75 12.40 8.99
N ARG A 208 4.77 11.75 9.63
CA ARG A 208 3.69 12.45 10.35
C ARG A 208 3.60 11.79 11.73
N ARG A 209 4.33 12.35 12.69
CA ARG A 209 4.43 11.76 14.01
C ARG A 209 3.39 12.38 14.96
N ALA A 210 3.49 12.08 16.25
CA ALA A 210 2.62 12.72 17.23
C ALA A 210 2.97 14.20 17.37
N ASP A 211 1.94 15.06 17.42
CA ASP A 211 2.16 16.47 17.74
C ASP A 211 2.30 16.67 19.24
N VAL A 212 1.52 15.94 20.01
CA VAL A 212 1.48 16.04 21.46
C VAL A 212 1.53 14.62 21.99
N VAL A 213 2.35 14.39 23.01
CA VAL A 213 2.42 13.09 23.69
C VAL A 213 2.01 13.33 25.13
N ILE A 214 0.96 12.63 25.56
CA ILE A 214 0.47 12.72 26.93
C ILE A 214 0.86 11.43 27.64
N VAL A 215 1.70 11.53 28.65
CA VAL A 215 2.15 10.38 29.43
C VAL A 215 1.32 10.33 30.70
N GLY A 216 0.53 9.27 30.84
CA GLY A 216 -0.37 9.18 31.98
C GLY A 216 0.37 9.07 33.30
N GLY A 217 -0.24 9.63 34.32
CA GLY A 217 0.34 9.73 35.65
C GLY A 217 -0.39 10.82 36.41
N GLU A 218 0.03 11.00 37.66
CA GLU A 218 -0.60 12.00 38.52
C GLU A 218 0.41 13.09 38.83
N PRO A 219 0.42 14.21 38.11
CA PRO A 219 -0.45 14.53 36.96
C PRO A 219 0.15 14.00 35.66
N PRO A 220 -0.62 14.02 34.57
CA PRO A 220 -0.05 13.64 33.28
C PRO A 220 1.05 14.60 32.87
N VAL A 221 2.04 14.05 32.17
CA VAL A 221 3.12 14.85 31.60
C VAL A 221 2.81 15.04 30.12
N VAL A 222 2.82 16.30 29.67
CA VAL A 222 2.49 16.64 28.30
C VAL A 222 3.79 17.05 27.60
N LEU A 223 4.14 16.30 26.56
CA LEU A 223 5.36 16.55 25.79
C LEU A 223 5.03 17.11 24.41
N HIS B 8 -7.04 -3.39 -34.88
CA HIS B 8 -5.98 -2.57 -35.45
C HIS B 8 -4.61 -3.01 -34.94
N MET B 9 -4.42 -2.99 -33.62
CA MET B 9 -3.15 -3.35 -33.02
C MET B 9 -3.04 -4.83 -32.67
N SER B 10 -4.02 -5.65 -33.09
CA SER B 10 -4.03 -7.06 -32.68
C SER B 10 -2.80 -7.82 -33.20
N GLU B 11 -2.42 -7.58 -34.45
CA GLU B 11 -1.24 -8.25 -34.98
C GLU B 11 0.03 -7.81 -34.27
N ALA B 12 0.14 -6.52 -33.96
CA ALA B 12 1.30 -6.05 -33.23
C ALA B 12 1.38 -6.68 -31.84
N LYS B 13 0.22 -6.79 -31.16
CA LYS B 13 0.21 -7.45 -29.85
C LYS B 13 0.65 -8.90 -29.96
N ARG B 14 0.11 -9.62 -30.94
CA ARG B 14 0.45 -11.03 -31.15
C ARG B 14 1.94 -11.20 -31.41
N LEU B 15 2.51 -10.35 -32.26
CA LEU B 15 3.92 -10.48 -32.62
C LEU B 15 4.83 -10.14 -31.45
N ALA B 16 4.46 -9.14 -30.63
CA ALA B 16 5.25 -8.85 -29.44
C ALA B 16 5.26 -10.04 -28.49
N ALA B 17 4.10 -10.65 -28.28
CA ALA B 17 4.01 -11.82 -27.40
C ALA B 17 4.86 -12.98 -27.93
N GLU B 18 4.83 -13.19 -29.24
CA GLU B 18 5.64 -14.25 -29.86
C GLU B 18 7.12 -14.04 -29.54
N LYS B 19 7.60 -12.81 -29.68
CA LYS B 19 9.01 -12.55 -29.41
C LYS B 19 9.34 -12.79 -27.94
N ALA B 20 8.41 -12.43 -27.04
CA ALA B 20 8.66 -12.64 -25.61
C ALA B 20 8.85 -14.12 -25.28
N ILE B 21 8.20 -15.01 -26.04
CA ILE B 21 8.35 -16.45 -25.80
C ILE B 21 9.80 -16.89 -25.94
N GLU B 22 10.59 -16.18 -26.77
CA GLU B 22 11.99 -16.54 -26.94
C GLU B 22 12.78 -16.43 -25.63
N TYR B 23 12.28 -15.69 -24.65
CA TYR B 23 12.95 -15.57 -23.37
C TYR B 23 12.57 -16.66 -22.37
N VAL B 24 11.59 -17.50 -22.69
CA VAL B 24 11.17 -18.56 -21.78
C VAL B 24 12.13 -19.74 -21.92
N GLU B 25 12.77 -20.11 -20.80
CA GLU B 25 13.70 -21.22 -20.76
C GLU B 25 13.00 -22.46 -20.20
N ASP B 26 13.39 -23.63 -20.69
CA ASP B 26 12.77 -24.87 -20.25
C ASP B 26 12.82 -25.00 -18.75
N GLY B 27 11.70 -25.36 -18.14
CA GLY B 27 11.62 -25.55 -16.70
C GLY B 27 11.26 -24.31 -15.90
N MET B 28 11.11 -23.15 -16.55
CA MET B 28 10.83 -21.93 -15.82
C MET B 28 9.44 -21.94 -15.19
N ILE B 29 9.32 -21.25 -14.06
CA ILE B 29 8.03 -20.72 -13.61
C ILE B 29 7.96 -19.29 -14.13
N VAL B 30 6.99 -19.01 -14.99
CA VAL B 30 6.90 -17.74 -15.71
C VAL B 30 5.94 -16.80 -14.97
N GLY B 31 6.40 -15.59 -14.68
CA GLY B 31 5.50 -14.57 -14.14
C GLY B 31 4.67 -13.97 -15.25
N VAL B 32 3.36 -13.87 -15.04
CA VAL B 32 2.41 -13.53 -16.09
C VAL B 32 1.62 -12.26 -15.72
N GLY B 33 1.61 -11.30 -16.64
CA GLY B 33 0.88 -10.05 -16.48
C GLY B 33 -0.61 -10.17 -16.73
N THR B 34 -1.21 -9.03 -17.10
CA THR B 34 -2.65 -8.94 -17.30
C THR B 34 -2.92 -8.04 -18.50
N GLY B 35 -4.01 -8.31 -19.22
CA GLY B 35 -4.50 -7.42 -20.25
C GLY B 35 -4.53 -8.07 -21.62
N SER B 36 -4.96 -7.28 -22.61
CA SER B 36 -5.21 -7.83 -23.94
C SER B 36 -3.94 -8.22 -24.68
N THR B 37 -2.83 -7.52 -24.42
CA THR B 37 -1.57 -7.93 -25.03
C THR B 37 -1.06 -9.22 -24.40
N VAL B 38 -1.13 -9.31 -23.06
CA VAL B 38 -0.75 -10.52 -22.35
C VAL B 38 -1.61 -11.72 -22.74
N ALA B 39 -2.86 -11.47 -23.15
CA ALA B 39 -3.70 -12.59 -23.57
C ALA B 39 -3.02 -13.39 -24.68
N TYR B 40 -2.37 -12.71 -25.62
CA TYR B 40 -1.63 -13.42 -26.67
C TYR B 40 -0.45 -14.19 -26.08
N PHE B 41 0.20 -13.63 -25.06
CA PHE B 41 1.32 -14.32 -24.44
C PHE B 41 0.84 -15.57 -23.70
N ILE B 42 -0.29 -15.49 -23.01
CA ILE B 42 -0.85 -16.68 -22.35
C ILE B 42 -1.16 -17.77 -23.37
N ASP B 43 -1.78 -17.40 -24.50
CA ASP B 43 -2.07 -18.39 -25.52
C ASP B 43 -0.79 -18.96 -26.13
N ALA B 44 0.28 -18.16 -26.22
CA ALA B 44 1.56 -18.67 -26.70
C ALA B 44 2.22 -19.58 -25.67
N LEU B 45 2.12 -19.24 -24.37
N LEU B 45 2.10 -19.24 -24.37
CA LEU B 45 2.64 -20.13 -23.34
CA LEU B 45 2.64 -20.11 -23.35
C LEU B 45 1.99 -21.50 -23.42
C LEU B 45 1.97 -21.48 -23.37
N ALA B 46 0.68 -21.53 -23.71
CA ALA B 46 -0.02 -22.80 -23.82
C ALA B 46 0.62 -23.68 -24.88
N ARG B 47 1.11 -23.07 -25.97
CA ARG B 47 1.73 -23.83 -27.06
C ARG B 47 3.07 -24.42 -26.64
N ILE B 48 3.68 -23.90 -25.58
CA ILE B 48 4.93 -24.48 -25.06
C ILE B 48 4.74 -24.97 -23.64
N GLN B 49 3.53 -25.40 -23.29
CA GLN B 49 3.26 -25.76 -21.88
C GLN B 49 4.11 -26.93 -21.41
N HIS B 50 4.55 -27.80 -22.33
CA HIS B 50 5.42 -28.92 -21.99
C HIS B 50 6.82 -28.47 -21.59
N ARG B 51 7.16 -27.20 -21.81
CA ARG B 51 8.47 -26.65 -21.51
C ARG B 51 8.49 -25.77 -20.27
N ILE B 52 7.37 -25.59 -19.57
CA ILE B 52 7.36 -24.75 -18.38
C ILE B 52 6.85 -25.55 -17.19
N LYS B 53 7.29 -25.15 -15.99
CA LYS B 53 6.78 -25.76 -14.78
C LYS B 53 5.41 -25.20 -14.42
N GLY B 54 5.18 -23.92 -14.71
CA GLY B 54 3.93 -23.28 -14.36
C GLY B 54 4.08 -21.78 -14.47
N ALA B 55 3.13 -21.08 -13.87
CA ALA B 55 3.07 -19.63 -13.97
C ALA B 55 2.62 -19.03 -12.65
N VAL B 56 3.13 -17.83 -12.36
CA VAL B 56 2.65 -17.01 -11.25
C VAL B 56 1.85 -15.87 -11.87
N SER B 57 0.63 -15.65 -11.38
CA SER B 57 -0.34 -14.82 -12.09
C SER B 57 -0.67 -13.52 -11.36
N SER B 58 -0.69 -12.43 -12.13
CA SER B 58 -0.95 -11.10 -11.59
C SER B 58 -2.43 -10.75 -11.48
N SER B 59 -3.35 -11.62 -11.87
CA SER B 59 -4.75 -11.27 -11.72
C SER B 59 -5.60 -12.54 -11.75
N GLU B 60 -6.78 -12.45 -11.13
CA GLU B 60 -7.70 -13.57 -11.22
C GLU B 60 -8.10 -13.85 -12.68
N GLN B 61 -8.17 -12.79 -13.50
CA GLN B 61 -8.47 -12.98 -14.91
C GLN B 61 -7.38 -13.78 -15.62
N SER B 62 -6.11 -13.42 -15.42
CA SER B 62 -5.03 -14.17 -16.04
C SER B 62 -4.98 -15.59 -15.52
N THR B 63 -5.31 -15.80 -14.25
CA THR B 63 -5.32 -17.14 -13.68
C THR B 63 -6.32 -18.03 -14.39
N ALA B 64 -7.53 -17.50 -14.64
CA ALA B 64 -8.52 -18.27 -15.36
C ALA B 64 -8.05 -18.60 -16.77
N ARG B 65 -7.39 -17.65 -17.44
CA ARG B 65 -6.93 -17.90 -18.80
CA ARG B 65 -6.93 -17.90 -18.79
C ARG B 65 -5.80 -18.93 -18.83
N LEU B 66 -4.91 -18.90 -17.85
CA LEU B 66 -3.85 -19.92 -17.78
C LEU B 66 -4.44 -21.29 -17.48
N LYS B 67 -5.33 -21.37 -16.49
CA LYS B 67 -5.93 -22.65 -16.12
C LYS B 67 -6.76 -23.25 -17.24
N GLN B 68 -7.37 -22.40 -18.09
CA GLN B 68 -8.16 -22.93 -19.20
C GLN B 68 -7.31 -23.75 -20.16
N HIS B 69 -6.01 -23.47 -20.23
CA HIS B 69 -5.09 -24.21 -21.06
C HIS B 69 -4.37 -25.33 -20.32
N GLY B 70 -4.68 -25.55 -19.05
CA GLY B 70 -4.02 -26.60 -18.29
C GLY B 70 -2.67 -26.23 -17.72
N ILE B 71 -2.32 -24.95 -17.70
CA ILE B 71 -1.06 -24.52 -17.10
C ILE B 71 -1.24 -24.40 -15.59
N GLU B 72 -0.29 -24.94 -14.83
CA GLU B 72 -0.38 -24.86 -13.38
CA GLU B 72 -0.37 -24.87 -13.38
C GLU B 72 -0.09 -23.44 -12.92
N VAL B 73 -0.97 -22.91 -12.07
CA VAL B 73 -0.79 -21.59 -11.49
C VAL B 73 -0.27 -21.75 -10.06
N ILE B 74 0.84 -21.10 -9.77
CA ILE B 74 1.58 -21.25 -8.52
C ILE B 74 1.57 -19.92 -7.80
N GLU B 75 1.45 -19.96 -6.47
CA GLU B 75 1.48 -18.71 -5.69
C GLU B 75 2.92 -18.22 -5.56
N LEU B 76 3.08 -16.89 -5.60
CA LEU B 76 4.40 -16.29 -5.45
C LEU B 76 5.02 -16.64 -4.11
N ASN B 77 4.20 -16.77 -3.05
CA ASN B 77 4.73 -17.19 -1.74
C ASN B 77 5.38 -18.56 -1.84
N HIS B 78 4.92 -19.41 -2.76
CA HIS B 78 5.45 -20.75 -2.89
C HIS B 78 6.62 -20.80 -3.88
N SER B 79 6.54 -20.05 -4.97
CA SER B 79 7.61 -20.08 -5.95
C SER B 79 8.87 -19.38 -5.45
N GLY B 80 8.72 -18.36 -4.61
CA GLY B 80 9.85 -17.48 -4.38
C GLY B 80 10.13 -16.64 -5.62
N ASN B 81 11.32 -16.06 -5.63
CA ASN B 81 11.70 -15.19 -6.74
C ASN B 81 11.67 -15.93 -8.07
N LEU B 82 11.39 -15.19 -9.12
CA LEU B 82 11.29 -15.71 -10.47
C LEU B 82 12.39 -15.13 -11.36
N SER B 83 12.65 -15.82 -12.46
CA SER B 83 13.61 -15.34 -13.44
CA SER B 83 13.62 -15.33 -13.44
C SER B 83 13.00 -14.39 -14.47
N LEU B 84 11.71 -14.51 -14.74
CA LEU B 84 11.10 -13.79 -15.86
C LEU B 84 9.66 -13.42 -15.53
N TYR B 85 9.30 -12.16 -15.81
CA TYR B 85 7.94 -11.65 -15.73
C TYR B 85 7.64 -10.96 -17.04
N VAL B 86 6.49 -11.26 -17.65
CA VAL B 86 6.09 -10.68 -18.92
C VAL B 86 4.74 -9.99 -18.74
N ASP B 87 4.68 -8.70 -19.09
CA ASP B 87 3.45 -7.95 -18.89
C ASP B 87 3.41 -6.80 -19.91
N GLY B 88 2.23 -6.19 -20.02
CA GLY B 88 2.05 -5.03 -20.87
C GLY B 88 2.23 -3.71 -20.13
N ALA B 89 1.84 -2.64 -20.81
CA ALA B 89 1.90 -1.31 -20.21
C ALA B 89 0.90 -0.41 -20.93
N ASP B 90 0.33 0.53 -20.18
CA ASP B 90 -0.53 1.53 -20.79
C ASP B 90 0.30 2.60 -21.50
N GLU B 91 1.47 2.92 -20.98
CA GLU B 91 2.42 3.82 -21.62
C GLU B 91 3.83 3.39 -21.23
N CYS B 92 4.77 3.66 -22.13
CA CYS B 92 6.18 3.37 -21.91
C CYS B 92 7.00 4.53 -22.47
N ASP B 93 7.79 5.18 -21.62
CA ASP B 93 8.60 6.29 -22.07
C ASP B 93 9.96 5.81 -22.58
N ALA B 94 10.80 6.74 -23.04
CA ALA B 94 12.05 6.32 -23.65
C ALA B 94 13.03 5.73 -22.65
N ASN B 95 12.84 5.99 -21.36
CA ASN B 95 13.69 5.43 -20.32
C ASN B 95 13.12 4.15 -19.74
N LYS B 96 12.08 3.60 -20.37
CA LYS B 96 11.44 2.34 -19.99
C LYS B 96 10.67 2.43 -18.69
N CYS B 97 10.36 3.65 -18.24
CA CYS B 97 9.39 3.84 -17.17
C CYS B 97 7.99 3.70 -17.73
N LEU B 98 7.09 3.11 -16.94
CA LEU B 98 5.77 2.71 -17.42
C LEU B 98 4.66 3.35 -16.58
N ILE B 99 3.54 3.59 -17.22
CA ILE B 99 2.24 3.68 -16.55
C ILE B 99 1.51 2.37 -16.76
N LYS B 100 1.03 1.79 -15.65
CA LYS B 100 0.28 0.54 -15.65
C LYS B 100 -0.92 0.68 -14.72
N GLY B 101 -1.87 -0.23 -14.90
CA GLY B 101 -3.10 -0.21 -14.12
C GLY B 101 -4.36 0.16 -14.88
N GLY B 102 -4.30 0.29 -16.21
CA GLY B 102 -5.53 0.55 -16.96
C GLY B 102 -6.60 -0.50 -16.73
N GLY B 103 -6.19 -1.74 -16.47
CA GLY B 103 -7.08 -2.83 -16.15
C GLY B 103 -7.21 -3.11 -14.67
N ALA B 104 -6.72 -2.20 -13.82
CA ALA B 104 -6.89 -2.21 -12.36
C ALA B 104 -6.06 -3.25 -11.62
N ALA B 105 -5.12 -3.94 -12.29
CA ALA B 105 -4.36 -5.03 -11.70
C ALA B 105 -2.93 -4.63 -11.35
N LEU B 106 -2.65 -3.33 -11.21
CA LEU B 106 -1.29 -2.84 -11.03
C LEU B 106 -0.59 -3.40 -9.80
N THR B 107 -1.31 -3.68 -8.71
CA THR B 107 -0.64 -4.06 -7.46
C THR B 107 0.04 -5.43 -7.57
N ARG B 108 -0.71 -6.47 -7.92
CA ARG B 108 -0.07 -7.78 -8.07
C ARG B 108 0.93 -7.80 -9.22
N GLU B 109 0.68 -7.01 -10.28
CA GLU B 109 1.68 -6.89 -11.34
C GLU B 109 3.00 -6.34 -10.79
N LYS B 110 2.92 -5.28 -9.99
CA LYS B 110 4.13 -4.66 -9.47
C LYS B 110 4.87 -5.59 -8.52
N ILE B 111 4.12 -6.34 -7.71
CA ILE B 111 4.71 -7.29 -6.78
C ILE B 111 5.47 -8.39 -7.54
N ILE B 112 4.82 -9.01 -8.53
CA ILE B 112 5.50 -10.08 -9.26
C ILE B 112 6.69 -9.53 -10.04
N ALA B 113 6.56 -8.36 -10.67
CA ALA B 113 7.69 -7.75 -11.36
C ALA B 113 8.86 -7.53 -10.40
N GLU B 114 8.56 -7.13 -9.16
CA GLU B 114 9.62 -6.89 -8.19
C GLU B 114 10.35 -8.16 -7.85
N ALA B 115 9.64 -9.29 -7.84
CA ALA B 115 10.20 -10.59 -7.51
C ALA B 115 10.91 -11.25 -8.68
N SER B 116 10.96 -10.60 -9.84
CA SER B 116 11.45 -11.25 -11.06
C SER B 116 12.75 -10.62 -11.53
N GLU B 117 13.70 -11.46 -11.96
CA GLU B 117 14.99 -10.96 -12.38
CA GLU B 117 15.00 -10.96 -12.38
C GLU B 117 14.88 -10.08 -13.62
N ARG B 118 14.16 -10.55 -14.63
CA ARG B 118 13.99 -9.83 -15.88
CA ARG B 118 13.99 -9.83 -15.88
C ARG B 118 12.51 -9.57 -16.12
N PHE B 119 12.17 -8.30 -16.34
CA PHE B 119 10.82 -7.87 -16.66
C PHE B 119 10.80 -7.49 -18.13
N ILE B 120 10.11 -8.29 -18.95
CA ILE B 120 9.90 -8.01 -20.36
CA ILE B 120 9.91 -8.02 -20.36
C ILE B 120 8.53 -7.39 -20.52
N CYS B 121 8.49 -6.21 -21.13
CA CYS B 121 7.26 -5.48 -21.33
C CYS B 121 6.89 -5.55 -22.80
N ILE B 122 5.71 -6.07 -23.09
CA ILE B 122 5.23 -6.27 -24.47
C ILE B 122 4.18 -5.22 -24.78
N ILE B 123 4.41 -4.42 -25.83
CA ILE B 123 3.55 -3.32 -26.20
C ILE B 123 3.38 -3.28 -27.72
N ASP B 124 2.32 -2.65 -28.16
CA ASP B 124 2.20 -2.18 -29.54
C ASP B 124 2.71 -0.75 -29.63
N PRO B 125 2.98 -0.25 -30.84
CA PRO B 125 3.64 1.06 -30.96
C PRO B 125 2.87 2.21 -30.33
N SER B 126 1.55 2.08 -30.17
CA SER B 126 0.77 3.18 -29.60
C SER B 126 1.09 3.46 -28.15
N LYS B 127 1.82 2.56 -27.48
CA LYS B 127 2.16 2.74 -26.08
C LYS B 127 3.42 3.58 -25.87
N GLN B 128 4.20 3.81 -26.92
CA GLN B 128 5.43 4.60 -26.84
C GLN B 128 5.08 6.09 -26.76
N VAL B 129 5.55 6.75 -25.69
CA VAL B 129 5.29 8.17 -25.49
C VAL B 129 6.58 8.86 -25.09
N PRO B 130 6.75 10.15 -25.39
CA PRO B 130 7.95 10.86 -24.94
C PRO B 130 7.89 11.21 -23.45
N VAL B 131 6.69 11.46 -22.94
CA VAL B 131 6.50 11.82 -21.54
C VAL B 131 5.25 11.11 -21.05
N LEU B 132 5.36 10.42 -19.91
CA LEU B 132 4.22 9.72 -19.36
C LEU B 132 3.15 10.70 -18.90
N GLY B 133 1.89 10.31 -19.04
CA GLY B 133 0.82 11.06 -18.40
C GLY B 133 -0.44 11.35 -19.21
N ARG B 134 -0.38 11.29 -20.55
CA ARG B 134 -1.61 11.46 -21.31
CA ARG B 134 -1.61 11.46 -21.32
C ARG B 134 -2.63 10.40 -20.94
N PHE B 135 -2.18 9.16 -20.79
CA PHE B 135 -3.01 8.12 -20.19
C PHE B 135 -3.00 8.37 -18.70
N PRO B 136 -4.16 8.52 -18.04
CA PRO B 136 -4.13 8.92 -16.63
C PRO B 136 -3.47 7.88 -15.75
N LEU B 137 -2.79 8.35 -14.71
CA LEU B 137 -2.03 7.47 -13.83
C LEU B 137 -2.96 6.78 -12.84
N PRO B 138 -3.03 5.45 -12.83
CA PRO B 138 -3.85 4.76 -11.82
C PRO B 138 -3.13 4.69 -10.48
N VAL B 139 -3.91 4.86 -9.42
CA VAL B 139 -3.45 4.71 -8.04
C VAL B 139 -4.47 3.87 -7.28
N GLU B 140 -4.03 2.75 -6.70
CA GLU B 140 -4.92 1.92 -5.91
C GLU B 140 -4.95 2.46 -4.47
N VAL B 141 -6.15 2.62 -3.92
CA VAL B 141 -6.34 3.26 -2.62
C VAL B 141 -7.24 2.44 -1.70
N ILE B 142 -6.91 2.46 -0.40
CA ILE B 142 -7.84 1.98 0.62
C ILE B 142 -9.14 2.76 0.48
N PRO B 143 -10.31 2.11 0.39
CA PRO B 143 -11.55 2.87 0.11
C PRO B 143 -11.81 4.00 1.09
N MET B 144 -11.61 3.79 2.39
CA MET B 144 -11.92 4.86 3.34
C MET B 144 -10.94 6.03 3.25
N ALA B 145 -9.85 5.88 2.50
CA ALA B 145 -8.87 6.93 2.26
C ALA B 145 -9.09 7.67 0.95
N ARG B 146 -10.09 7.29 0.14
CA ARG B 146 -10.14 7.73 -1.24
C ARG B 146 -10.14 9.25 -1.37
N SER B 147 -11.03 9.94 -0.66
CA SER B 147 -11.14 11.38 -0.81
C SER B 147 -9.89 12.10 -0.28
N LEU B 148 -9.32 11.60 0.81
CA LEU B 148 -8.10 12.18 1.35
C LEU B 148 -6.97 12.10 0.33
N VAL B 149 -6.76 10.92 -0.24
CA VAL B 149 -5.68 10.74 -1.22
C VAL B 149 -5.92 11.61 -2.45
N ALA B 150 -7.18 11.71 -2.90
CA ALA B 150 -7.47 12.60 -4.04
C ALA B 150 -7.07 14.04 -3.74
N ARG B 151 -7.42 14.56 -2.55
CA ARG B 151 -7.03 15.92 -2.21
C ARG B 151 -5.52 16.06 -2.18
N GLN B 152 -4.82 15.09 -1.58
CA GLN B 152 -3.37 15.18 -1.49
C GLN B 152 -2.72 15.15 -2.86
N ILE B 153 -3.16 14.25 -3.73
CA ILE B 153 -2.53 14.17 -5.05
C ILE B 153 -2.77 15.45 -5.83
N ARG B 154 -3.98 16.01 -5.74
CA ARG B 154 -4.26 17.29 -6.39
C ARG B 154 -3.31 18.38 -5.88
N ASP B 155 -3.14 18.47 -4.56
CA ASP B 155 -2.28 19.49 -3.98
C ASP B 155 -0.81 19.28 -4.37
N MET B 156 -0.36 18.03 -4.39
CA MET B 156 1.05 17.74 -4.64
CA MET B 156 1.05 17.74 -4.64
C MET B 156 1.42 17.90 -6.11
N THR B 157 0.54 17.50 -7.03
CA THR B 157 0.89 17.41 -8.43
C THR B 157 0.20 18.41 -9.33
N GLY B 158 -0.90 19.02 -8.90
CA GLY B 158 -1.69 19.85 -9.78
C GLY B 158 -2.54 19.08 -10.77
N GLY B 159 -2.47 17.76 -10.76
CA GLY B 159 -3.31 16.94 -11.60
C GLY B 159 -4.71 16.79 -11.05
N GLN B 160 -5.56 16.12 -11.82
CA GLN B 160 -6.98 16.00 -11.52
C GLN B 160 -7.32 14.55 -11.23
N PRO B 161 -7.48 14.16 -9.97
CA PRO B 161 -7.85 12.77 -9.68
C PRO B 161 -9.33 12.53 -9.90
N THR B 162 -9.65 11.37 -10.46
CA THR B 162 -11.03 10.95 -10.64
CA THR B 162 -11.02 10.94 -10.67
C THR B 162 -11.18 9.52 -10.13
N TRP B 163 -12.24 9.29 -9.38
CA TRP B 163 -12.55 7.94 -8.91
C TRP B 163 -13.04 7.12 -10.08
N ARG B 164 -12.41 5.97 -10.31
CA ARG B 164 -12.92 5.01 -11.30
C ARG B 164 -14.08 4.28 -10.63
N GLU B 165 -15.24 4.98 -10.59
CA GLU B 165 -16.29 4.61 -9.66
C GLU B 165 -16.90 3.25 -10.02
N GLY B 166 -17.01 2.39 -9.01
CA GLY B 166 -17.56 1.07 -9.17
C GLY B 166 -16.54 -0.03 -9.39
N VAL B 167 -15.34 0.33 -9.82
CA VAL B 167 -14.29 -0.66 -10.02
C VAL B 167 -13.70 -1.05 -8.68
N VAL B 168 -13.53 -2.35 -8.47
CA VAL B 168 -12.88 -2.90 -7.28
C VAL B 168 -11.78 -3.83 -7.76
N THR B 169 -10.57 -3.66 -7.22
CA THR B 169 -9.46 -4.50 -7.64
C THR B 169 -9.59 -5.90 -7.03
N ASP B 170 -8.72 -6.81 -7.47
CA ASP B 170 -8.66 -8.14 -6.86
C ASP B 170 -8.35 -8.07 -5.36
N ASN B 171 -7.83 -6.94 -4.88
CA ASN B 171 -7.47 -6.77 -3.48
C ASN B 171 -8.54 -6.06 -2.67
N GLY B 172 -9.69 -5.76 -3.27
CA GLY B 172 -10.77 -5.11 -2.57
C GLY B 172 -10.70 -3.61 -2.51
N ASN B 173 -9.81 -2.98 -3.27
CA ASN B 173 -9.57 -1.54 -3.19
C ASN B 173 -10.14 -0.81 -4.38
N GLN B 174 -10.11 0.52 -4.28
CA GLN B 174 -10.59 1.41 -5.33
C GLN B 174 -9.42 2.01 -6.11
N ILE B 175 -9.74 2.66 -7.22
CA ILE B 175 -8.75 3.24 -8.12
C ILE B 175 -9.06 4.73 -8.30
N LEU B 176 -8.05 5.57 -8.11
CA LEU B 176 -8.07 6.95 -8.58
C LEU B 176 -7.21 7.03 -9.84
N ASP B 177 -7.72 7.67 -10.87
CA ASP B 177 -6.96 7.94 -12.08
C ASP B 177 -6.59 9.41 -12.09
N ILE B 178 -5.29 9.70 -12.22
CA ILE B 178 -4.80 11.08 -12.12
C ILE B 178 -4.58 11.62 -13.51
N HIS B 179 -5.37 12.62 -13.88
CA HIS B 179 -5.32 13.19 -15.21
C HIS B 179 -4.41 14.42 -15.27
N ASN B 180 -3.84 14.67 -16.46
CA ASN B 180 -3.22 15.93 -16.85
C ASN B 180 -1.79 16.10 -16.37
N LEU B 181 -1.13 15.03 -15.94
CA LEU B 181 0.26 15.13 -15.51
C LEU B 181 1.19 15.02 -16.70
N GLN B 182 2.33 15.68 -16.58
CA GLN B 182 3.47 15.50 -17.49
C GLN B 182 4.61 15.00 -16.60
N ILE B 183 4.77 13.68 -16.57
CA ILE B 183 5.60 13.03 -15.54
C ILE B 183 7.00 12.90 -16.12
N THR B 184 7.78 13.98 -15.98
CA THR B 184 9.15 14.00 -16.49
C THR B 184 10.15 13.35 -15.55
N ASP B 185 9.77 13.09 -14.30
CA ASP B 185 10.64 12.39 -13.35
C ASP B 185 9.79 11.31 -12.68
N PRO B 186 9.54 10.20 -13.38
CA PRO B 186 8.64 9.18 -12.82
C PRO B 186 9.13 8.56 -11.52
N GLU B 187 10.44 8.38 -11.37
CA GLU B 187 10.92 7.78 -10.12
C GLU B 187 10.67 8.70 -8.93
N LYS B 188 10.81 10.01 -9.12
CA LYS B 188 10.56 10.95 -8.04
C LYS B 188 9.08 10.96 -7.65
N LEU B 189 8.20 11.04 -8.65
CA LEU B 189 6.77 11.05 -8.33
C LEU B 189 6.34 9.76 -7.67
N GLU B 190 6.82 8.62 -8.18
CA GLU B 190 6.49 7.34 -7.57
C GLU B 190 6.90 7.31 -6.10
N ARG B 191 8.13 7.75 -5.81
CA ARG B 191 8.62 7.74 -4.44
CA ARG B 191 8.61 7.73 -4.44
C ARG B 191 7.76 8.62 -3.53
N GLU B 192 7.34 9.78 -4.06
CA GLU B 192 6.53 10.69 -3.27
C GLU B 192 5.13 10.14 -3.02
N LEU B 193 4.47 9.62 -4.06
CA LEU B 193 3.12 9.09 -3.88
C LEU B 193 3.11 7.87 -2.97
N ASN B 194 4.19 7.08 -2.98
CA ASN B 194 4.29 5.91 -2.12
C ASN B 194 4.30 6.25 -0.64
N GLN B 195 4.52 7.51 -0.27
CA GLN B 195 4.56 7.88 1.14
C GLN B 195 3.19 8.22 1.69
N LEU B 196 2.15 8.27 0.87
CA LEU B 196 0.84 8.74 1.33
C LEU B 196 0.08 7.60 2.00
N PRO B 197 -0.29 7.72 3.28
CA PRO B 197 -1.11 6.68 3.90
C PRO B 197 -2.43 6.51 3.16
N GLY B 198 -2.78 5.27 2.86
CA GLY B 198 -3.96 4.98 2.08
C GLY B 198 -3.67 4.64 0.63
N VAL B 199 -2.49 5.00 0.12
CA VAL B 199 -2.07 4.51 -1.18
C VAL B 199 -1.61 3.08 -1.02
N VAL B 200 -2.22 2.18 -1.79
CA VAL B 200 -1.79 0.78 -1.82
C VAL B 200 -0.72 0.55 -2.87
N CYS B 201 -0.88 1.17 -4.04
CA CYS B 201 0.09 1.02 -5.11
C CYS B 201 -0.08 2.16 -6.09
N VAL B 202 1.05 2.60 -6.65
CA VAL B 202 1.09 3.64 -7.67
C VAL B 202 1.41 3.00 -9.00
N GLY B 203 0.63 3.34 -10.04
CA GLY B 203 0.82 2.74 -11.36
C GLY B 203 1.99 3.28 -12.16
N LEU B 204 3.06 3.70 -11.49
CA LEU B 204 4.32 4.03 -12.14
C LEU B 204 5.30 2.91 -11.85
N PHE B 205 5.89 2.35 -12.90
CA PHE B 205 6.95 1.34 -12.76
C PHE B 205 8.21 2.09 -13.19
N ALA B 206 8.99 2.53 -12.20
CA ALA B 206 10.10 3.45 -12.46
C ALA B 206 11.30 3.08 -11.59
N ARG B 207 11.10 2.98 -10.28
CA ARG B 207 12.16 2.43 -9.44
CA ARG B 207 12.12 2.40 -9.41
C ARG B 207 12.54 1.04 -9.93
N ARG B 208 11.57 0.21 -10.29
CA ARG B 208 11.80 -1.07 -10.95
C ARG B 208 11.03 -0.95 -12.27
N ARG B 209 11.74 -0.71 -13.35
CA ARG B 209 11.09 -0.47 -14.63
C ARG B 209 11.22 -1.70 -15.54
N ALA B 210 10.80 -1.55 -16.80
CA ALA B 210 10.98 -2.65 -17.75
C ALA B 210 12.46 -2.82 -18.04
N ASP B 211 12.94 -4.07 -18.01
CA ASP B 211 14.30 -4.36 -18.45
C ASP B 211 14.40 -4.43 -19.97
N VAL B 212 13.42 -5.04 -20.61
CA VAL B 212 13.35 -5.20 -22.06
C VAL B 212 11.97 -4.72 -22.47
N VAL B 213 11.91 -3.93 -23.54
CA VAL B 213 10.64 -3.49 -24.13
C VAL B 213 10.56 -4.07 -25.53
N ILE B 214 9.51 -4.83 -25.79
CA ILE B 214 9.29 -5.42 -27.11
C ILE B 214 8.11 -4.68 -27.74
N VAL B 215 8.37 -3.98 -28.83
CA VAL B 215 7.32 -3.27 -29.56
C VAL B 215 6.90 -4.13 -30.75
N GLY B 216 5.64 -4.55 -30.72
CA GLY B 216 5.16 -5.45 -31.76
C GLY B 216 5.15 -4.82 -33.13
N GLY B 217 5.39 -5.67 -34.12
CA GLY B 217 5.52 -5.24 -35.51
C GLY B 217 6.17 -6.36 -36.29
N GLU B 218 6.37 -6.11 -37.58
CA GLU B 218 7.00 -7.11 -38.44
C GLU B 218 8.36 -6.61 -38.92
N PRO B 219 9.46 -7.01 -38.28
CA PRO B 219 9.49 -7.85 -37.08
C PRO B 219 9.38 -6.99 -35.82
N PRO B 220 9.23 -7.60 -34.65
CA PRO B 220 9.19 -6.80 -33.42
C PRO B 220 10.51 -6.08 -33.20
N VAL B 221 10.42 -4.92 -32.56
CA VAL B 221 11.58 -4.12 -32.18
C VAL B 221 11.88 -4.38 -30.70
N VAL B 222 13.12 -4.75 -30.39
CA VAL B 222 13.53 -5.05 -29.02
C VAL B 222 14.37 -3.89 -28.52
N LEU B 223 13.87 -3.20 -27.49
CA LEU B 223 14.53 -2.03 -26.94
C LEU B 223 14.95 -2.24 -25.51
C1 EDO C . -2.40 1.48 19.58
O1 EDO C . -2.79 2.85 19.36
C2 EDO C . -1.05 1.19 18.93
O2 EDO C . -1.08 1.30 17.50
S SO4 D . -2.35 0.30 23.73
O1 SO4 D . -1.06 -0.25 24.11
O2 SO4 D . -2.95 -0.51 22.67
O3 SO4 D . -2.23 1.68 23.28
O4 SO4 D . -3.20 0.30 24.91
S SO4 E . -8.49 -4.12 24.33
O1 SO4 E . -7.43 -4.50 23.38
O2 SO4 E . -7.99 -4.29 25.69
O3 SO4 E . -9.64 -5.00 24.14
O4 SO4 E . -8.86 -2.73 24.09
C1 EDO F . 15.15 9.48 20.15
O1 EDO F . 14.84 8.89 21.42
C2 EDO F . 16.63 9.87 20.12
O2 EDO F . 16.86 10.91 21.07
C1 EDO G . 13.66 -10.57 -2.49
O1 EDO G . 14.30 -11.85 -2.37
C2 EDO G . 14.40 -9.70 -3.50
O2 EDO G . 14.07 -10.09 -4.83
S SO4 H . -17.73 6.05 0.79
O1 SO4 H . -18.02 7.18 -0.09
O2 SO4 H . -16.69 5.23 0.16
O3 SO4 H . -17.26 6.54 2.09
O4 SO4 H . -18.93 5.25 0.98
C1 EDO I . -4.94 17.40 3.75
O1 EDO I . -4.46 18.74 3.64
C2 EDO I . -5.54 16.96 2.43
O2 EDO I . -6.70 17.74 2.13
C1 EDO J . -1.51 -3.96 -18.77
O1 EDO J . -0.32 -4.73 -18.59
C2 EDO J . -1.31 -2.53 -18.25
O2 EDO J . -1.10 -2.51 -16.81
S SO4 K . -3.01 -3.78 -22.81
O1 SO4 K . -1.62 -4.11 -22.50
O2 SO4 K . -3.41 -4.69 -23.87
O3 SO4 K . -3.15 -2.40 -23.26
O4 SO4 K . -3.83 -3.97 -21.62
S SO4 L . -7.21 -7.47 -29.18
O1 SO4 L . -6.14 -6.91 -30.01
O2 SO4 L . -7.05 -8.92 -29.06
O3 SO4 L . -7.17 -6.86 -27.85
O4 SO4 L . -8.51 -7.18 -29.80
#